data_4X0C
#
_entry.id   4X0C
#
_cell.length_a   104.830
_cell.length_b   104.830
_cell.length_c   191.000
_cell.angle_alpha   90.000
_cell.angle_beta   90.000
_cell.angle_gamma   90.000
#
_symmetry.space_group_name_H-M   'P 41 21 2'
#
loop_
_entity.id
_entity.type
_entity.pdbx_description
1 polymer VP1
2 branched alpha-L-fucopyranose-(1-3)-[beta-D-galactopyranose-(1-4)]2-acetamido-2-deoxy-alpha-D-glucopyranose
3 non-polymer 1,2-ETHANEDIOL
4 non-polymer 'FORMIC ACID'
5 water water
#
_entity_poly.entity_id   1
_entity_poly.type   'polypeptide(L)'
_entity_poly.pdbx_seq_one_letter_code
;SKPFSVPVLTVEEMTNSRFPIPLEKLFTGPSSAFVVQPQNGRCTTDGVLLGTTQLSPVNICTFRGDVTHITGSRNYTMNL
ASQNWNDYDPTEEIPAPLGTPDFVGKIQGVLTQTTRTDGSTRGHKATVYTGSADFAPKLGRVQFETDTDRDFEANQNTKF
TPVGVIQDGGTTHRNEPQQWVLPSYSGRNTHNVHLAPAVAPTFPGEQLLFFRSTMPGCSGYPNMDLDCLLPQEWVQYFYQ
EAAPAQSDVALLRFVNPDTGRVLFECKLHKSGYVTVAHTGQHDLVIPPNGYFRFDSWVNQFYTLAPM
;
_entity_poly.pdbx_strand_id   A,B
#
# COMPACT_ATOMS: atom_id res chain seq x y z
N LYS A 2 25.16 -5.68 14.73
CA LYS A 2 24.56 -5.40 13.42
C LYS A 2 24.62 -3.91 13.04
N PRO A 3 25.29 -3.60 11.92
CA PRO A 3 25.48 -2.22 11.48
C PRO A 3 24.20 -1.55 11.01
N PHE A 4 24.03 -0.30 11.40
CA PHE A 4 22.88 0.45 10.95
C PHE A 4 23.03 0.80 9.46
N SER A 5 21.91 1.00 8.78
CA SER A 5 21.89 1.39 7.39
C SER A 5 20.49 1.92 7.07
N VAL A 6 20.33 2.57 5.90
CA VAL A 6 19.01 2.91 5.40
C VAL A 6 18.89 2.26 4.04
N PRO A 7 17.65 2.06 3.57
CA PRO A 7 17.42 1.38 2.29
C PRO A 7 18.02 2.13 1.10
N VAL A 8 18.44 1.38 0.09
CA VAL A 8 18.83 1.91 -1.20
C VAL A 8 17.55 1.95 -2.03
N LEU A 9 16.75 2.95 -1.75
CA LEU A 9 15.56 3.21 -2.54
C LEU A 9 15.59 4.72 -2.82
N THR A 10 15.22 5.07 -4.03
CA THR A 10 15.05 6.48 -4.40
C THR A 10 13.80 7.03 -3.75
N VAL A 11 13.66 8.35 -3.71
CA VAL A 11 12.46 8.94 -3.14
C VAL A 11 11.22 8.44 -3.89
N GLU A 12 11.28 8.44 -5.23
CA GLU A 12 10.12 8.05 -6.02
C GLU A 12 9.76 6.55 -5.91
N GLU A 13 10.70 5.76 -5.43
CA GLU A 13 10.44 4.33 -5.23
C GLU A 13 9.72 4.04 -3.93
N MET A 14 9.59 5.05 -3.09
CA MET A 14 9.05 4.87 -1.76
C MET A 14 7.64 5.45 -1.60
N THR A 15 7.09 5.23 -0.41
CA THR A 15 5.69 5.41 -0.11
C THR A 15 5.51 6.31 1.08
N ASN A 16 4.49 7.16 1.06
CA ASN A 16 4.18 8.00 2.20
C ASN A 16 3.72 7.12 3.37
N SER A 17 4.12 7.47 4.58
CA SER A 17 3.75 6.70 5.75
C SER A 17 2.47 7.23 6.41
N ARG A 18 1.87 8.26 5.82
CA ARG A 18 0.67 8.87 6.43
C ARG A 18 -0.59 8.74 5.56
N PHE A 19 -0.44 8.23 4.34
CA PHE A 19 -1.55 8.02 3.44
C PHE A 19 -1.02 7.05 2.39
N PRO A 20 -1.86 6.15 1.87
CA PRO A 20 -1.37 5.09 0.95
C PRO A 20 -1.15 5.54 -0.50
N ILE A 21 -0.12 6.36 -0.68
CA ILE A 21 0.27 6.95 -1.95
C ILE A 21 1.81 7.07 -1.99
N PRO A 22 2.38 7.11 -3.20
CA PRO A 22 3.83 7.22 -3.32
C PRO A 22 4.37 8.56 -2.83
N LEU A 23 5.64 8.55 -2.44
CA LEU A 23 6.40 9.78 -2.26
C LEU A 23 6.62 10.44 -3.60
N GLU A 24 6.73 11.77 -3.59
CA GLU A 24 7.01 12.52 -4.79
C GLU A 24 8.31 13.32 -4.72
N LYS A 25 8.61 13.88 -3.54
CA LYS A 25 9.68 14.86 -3.45
C LYS A 25 10.05 15.11 -2.00
N LEU A 26 11.13 15.87 -1.83
CA LEU A 26 11.63 16.28 -0.54
C LEU A 26 11.39 17.76 -0.38
N PHE A 27 11.03 18.16 0.83
CA PHE A 27 10.72 19.55 1.13
C PHE A 27 11.29 19.89 2.49
N THR A 28 11.85 21.08 2.62
CA THR A 28 12.19 21.57 3.95
C THR A 28 11.59 22.94 4.13
N GLY A 29 11.17 23.24 5.35
CA GLY A 29 10.64 24.55 5.68
C GLY A 29 10.70 24.74 7.18
N PRO A 30 10.57 25.98 7.63
CA PRO A 30 10.50 26.21 9.09
C PRO A 30 9.21 25.62 9.66
N SER A 31 9.24 25.23 10.93
CA SER A 31 8.06 24.65 11.56
C SER A 31 8.00 25.04 13.03
N SER A 32 8.63 26.14 13.38
CA SER A 32 8.65 26.59 14.77
C SER A 32 7.31 27.20 15.21
N ALA A 33 6.49 27.59 14.24
CA ALA A 33 5.25 28.31 14.55
C ALA A 33 4.09 27.35 14.76
N PHE A 34 4.31 26.06 14.55
CA PHE A 34 3.26 25.06 14.75
C PHE A 34 3.83 23.71 15.21
N VAL A 35 2.93 22.83 15.62
CA VAL A 35 3.33 21.55 16.20
C VAL A 35 3.36 20.48 15.13
N VAL A 36 4.50 19.80 15.02
CA VAL A 36 4.68 18.69 14.10
C VAL A 36 4.64 17.40 14.92
N GLN A 37 3.50 16.72 14.90
CA GLN A 37 3.33 15.54 15.76
C GLN A 37 2.53 14.46 15.07
N PRO A 38 2.93 14.11 13.84
CA PRO A 38 2.21 13.03 13.17
C PRO A 38 2.32 11.71 13.96
N GLN A 39 1.34 10.83 13.81
CA GLN A 39 1.32 9.59 14.56
C GLN A 39 1.56 8.37 13.69
N ASN A 40 1.33 8.52 12.40
CA ASN A 40 1.76 7.53 11.43
C ASN A 40 3.14 7.88 10.89
N GLY A 41 3.90 6.87 10.48
CA GLY A 41 5.26 7.09 10.03
C GLY A 41 6.20 7.45 11.18
N ARG A 42 5.98 6.82 12.32
CA ARG A 42 6.80 7.04 13.50
C ARG A 42 7.45 5.73 13.96
N CYS A 43 8.77 5.74 14.00
CA CYS A 43 9.58 4.55 14.28
C CYS A 43 10.96 5.02 14.66
N THR A 44 11.57 4.36 15.63
CA THR A 44 12.94 4.68 15.97
C THR A 44 13.91 4.00 15.01
N THR A 45 15.14 4.50 14.94
CA THR A 45 16.13 3.87 14.04
C THR A 45 16.46 2.44 14.44
N ASP A 46 16.26 2.09 15.72
CA ASP A 46 16.54 0.74 16.19
C ASP A 46 15.24 -0.11 16.25
N GLY A 47 14.17 0.36 15.59
CA GLY A 47 13.04 -0.48 15.25
C GLY A 47 11.86 -0.56 16.22
N VAL A 48 11.68 0.48 17.03
CA VAL A 48 10.53 0.58 17.90
C VAL A 48 9.42 1.40 17.23
N LEU A 49 8.25 0.79 17.05
CA LEU A 49 7.10 1.49 16.47
C LEU A 49 6.46 2.43 17.48
N LEU A 50 6.05 3.60 17.00
CA LEU A 50 5.50 4.65 17.85
C LEU A 50 4.13 5.13 17.34
N GLY A 51 3.40 5.86 18.16
CA GLY A 51 2.15 6.47 17.72
C GLY A 51 1.14 5.43 17.27
N THR A 52 0.56 5.65 16.09
CA THR A 52 -0.40 4.70 15.52
C THR A 52 0.25 3.93 14.37
N THR A 53 1.58 3.86 14.38
CA THR A 53 2.29 3.33 13.22
C THR A 53 2.25 1.80 13.16
N GLN A 54 1.96 1.31 11.97
CA GLN A 54 2.02 -0.12 11.67
C GLN A 54 2.76 -0.31 10.34
N LEU A 55 2.92 -1.56 9.93
CA LEU A 55 3.89 -1.85 8.88
C LEU A 55 3.42 -1.76 7.41
N SER A 56 2.17 -2.02 7.04
CA SER A 56 1.94 -2.01 5.59
C SER A 56 1.35 -0.68 5.17
N PRO A 57 1.81 -0.13 4.00
CA PRO A 57 1.21 1.12 3.60
C PRO A 57 -0.23 0.98 3.18
N VAL A 58 -0.73 -0.20 2.85
CA VAL A 58 -2.08 -0.24 2.29
C VAL A 58 -3.13 -0.10 3.39
N ASN A 59 -2.73 -0.30 4.65
CA ASN A 59 -3.65 -0.18 5.78
C ASN A 59 -3.82 1.23 6.35
N ILE A 60 -3.06 2.18 5.82
CA ILE A 60 -3.07 3.51 6.39
C ILE A 60 -4.37 4.20 5.97
N CYS A 61 -5.07 4.78 6.95
CA CYS A 61 -6.37 5.47 6.79
C CYS A 61 -7.49 4.54 6.29
N THR A 62 -7.34 3.25 6.54
CA THR A 62 -8.43 2.30 6.31
C THR A 62 -9.17 2.04 7.64
N PHE A 63 -10.44 1.67 7.53
CA PHE A 63 -11.21 1.26 8.71
C PHE A 63 -11.95 -0.01 8.37
N ARG A 64 -12.17 -0.85 9.38
CA ARG A 64 -12.92 -2.08 9.22
C ARG A 64 -13.85 -2.24 10.44
N GLY A 65 -15.01 -2.80 10.22
CA GLY A 65 -15.94 -3.09 11.30
C GLY A 65 -17.32 -3.45 10.83
N ASP A 66 -18.32 -3.20 11.69
CA ASP A 66 -19.71 -3.33 11.29
C ASP A 66 -20.37 -1.96 11.39
N VAL A 67 -21.44 -1.76 10.64
CA VAL A 67 -22.07 -0.44 10.61
C VAL A 67 -23.53 -0.48 11.00
N THR A 68 -23.97 0.62 11.61
CA THR A 68 -25.35 0.83 11.99
C THR A 68 -25.79 2.16 11.40
N HIS A 69 -27.00 2.18 10.87
CA HIS A 69 -27.56 3.33 10.20
C HIS A 69 -28.14 4.38 11.14
N ILE A 70 -27.70 5.62 10.97
CA ILE A 70 -28.30 6.74 11.68
C ILE A 70 -29.58 7.15 10.92
N THR A 71 -30.74 6.61 11.34
CA THR A 71 -31.97 6.80 10.57
C THR A 71 -32.31 8.29 10.40
N GLY A 72 -32.91 8.61 9.25
CA GLY A 72 -33.18 9.99 8.89
C GLY A 72 -31.95 10.65 8.28
N SER A 73 -30.99 9.83 7.88
CA SER A 73 -29.73 10.29 7.30
C SER A 73 -29.05 9.24 6.39
N ARG A 74 -27.97 9.67 5.74
CA ARG A 74 -27.14 8.80 4.92
C ARG A 74 -25.87 8.47 5.69
N ASN A 75 -25.91 8.65 7.00
CA ASN A 75 -24.72 8.48 7.81
C ASN A 75 -24.75 7.14 8.52
N TYR A 76 -23.59 6.53 8.65
CA TYR A 76 -23.47 5.26 9.31
C TYR A 76 -22.40 5.34 10.38
N THR A 77 -22.66 4.69 11.50
CA THR A 77 -21.65 4.56 12.53
C THR A 77 -20.95 3.21 12.36
N MET A 78 -19.63 3.22 12.27
CA MET A 78 -18.83 2.00 12.23
C MET A 78 -18.30 1.69 13.61
N ASN A 79 -18.66 0.50 14.13
CA ASN A 79 -18.05 -0.07 15.32
C ASN A 79 -16.80 -0.79 14.86
N LEU A 80 -15.66 -0.26 15.24
CA LEU A 80 -14.41 -0.72 14.65
C LEU A 80 -14.02 -2.10 15.12
N ALA A 81 -13.47 -2.87 14.19
CA ALA A 81 -12.76 -4.10 14.50
C ALA A 81 -11.28 -3.88 14.21
N SER A 82 -10.43 -4.84 14.59
CA SER A 82 -9.03 -4.82 14.21
C SER A 82 -8.88 -5.15 12.73
N GLN A 83 -7.68 -4.98 12.16
CA GLN A 83 -7.47 -5.26 10.74
C GLN A 83 -7.82 -6.70 10.35
N ASN A 84 -7.70 -7.64 11.29
CA ASN A 84 -8.02 -9.04 10.97
C ASN A 84 -9.38 -9.45 11.44
N TRP A 85 -10.21 -8.46 11.76
CA TRP A 85 -11.63 -8.62 12.11
C TRP A 85 -11.80 -9.08 13.55
N ASN A 86 -10.70 -9.22 14.28
CA ASN A 86 -10.76 -9.47 15.73
C ASN A 86 -11.32 -8.23 16.43
N ASP A 87 -11.70 -8.42 17.68
CA ASP A 87 -12.18 -7.33 18.50
C ASP A 87 -11.12 -6.25 18.63
N TYR A 88 -11.58 -5.00 18.54
CA TYR A 88 -10.73 -3.84 18.81
C TYR A 88 -10.72 -3.59 20.33
N ASP A 89 -9.52 -3.39 20.88
CA ASP A 89 -9.33 -3.23 22.32
C ASP A 89 -8.96 -1.80 22.64
N PRO A 90 -9.90 -1.03 23.19
CA PRO A 90 -9.57 0.39 23.46
C PRO A 90 -8.55 0.60 24.60
N THR A 91 -8.22 -0.47 25.35
CA THR A 91 -7.32 -0.34 26.48
C THR A 91 -5.87 -0.52 26.08
N GLU A 92 -5.62 -0.85 24.82
CA GLU A 92 -4.26 -0.96 24.34
C GLU A 92 -3.61 0.43 24.45
N GLU A 93 -2.33 0.47 24.83
CA GLU A 93 -1.64 1.75 25.09
C GLU A 93 -1.13 2.39 23.79
N ILE A 94 -2.09 2.78 22.97
CA ILE A 94 -1.83 3.45 21.71
C ILE A 94 -2.85 4.55 21.60
N PRO A 95 -2.59 5.56 20.76
CA PRO A 95 -3.50 6.69 20.70
C PRO A 95 -4.86 6.37 20.08
N ALA A 96 -4.86 5.37 19.21
CA ALA A 96 -6.00 5.04 18.37
C ALA A 96 -5.61 3.76 17.65
N PRO A 97 -6.56 3.11 16.98
CA PRO A 97 -6.19 1.93 16.19
C PRO A 97 -5.05 2.23 15.23
N LEU A 98 -4.21 1.26 14.99
CA LEU A 98 -3.07 1.43 14.11
C LEU A 98 -3.54 1.82 12.73
N GLY A 99 -2.89 2.83 12.14
CA GLY A 99 -3.29 3.30 10.82
C GLY A 99 -4.39 4.35 10.78
N THR A 100 -4.96 4.70 11.95
CA THR A 100 -5.96 5.77 12.04
C THR A 100 -5.41 7.05 11.42
N PRO A 101 -6.22 7.80 10.63
CA PRO A 101 -5.73 9.09 10.12
C PRO A 101 -5.16 9.98 11.22
N ASP A 102 -4.08 10.69 10.98
CA ASP A 102 -3.49 11.55 11.99
C ASP A 102 -3.54 13.03 11.62
N PHE A 103 -4.60 13.40 10.90
CA PHE A 103 -4.83 14.81 10.61
C PHE A 103 -6.32 15.09 10.56
N VAL A 104 -6.68 16.35 10.76
CA VAL A 104 -8.05 16.80 10.71
C VAL A 104 -8.38 17.20 9.29
N GLY A 105 -9.37 16.51 8.74
CA GLY A 105 -9.83 16.78 7.38
C GLY A 105 -10.98 15.87 7.01
N LYS A 106 -11.39 15.97 5.76
CA LYS A 106 -12.48 15.15 5.24
C LYS A 106 -11.89 14.22 4.21
N ILE A 107 -11.83 12.94 4.58
CA ILE A 107 -11.22 11.91 3.75
C ILE A 107 -12.30 11.13 3.03
N GLN A 108 -12.25 11.18 1.70
CA GLN A 108 -13.26 10.49 0.89
C GLN A 108 -12.69 9.18 0.41
N GLY A 109 -13.58 8.20 0.34
CA GLY A 109 -13.23 6.86 -0.09
C GLY A 109 -14.46 6.08 -0.42
N VAL A 110 -14.37 4.77 -0.24
CA VAL A 110 -15.47 3.89 -0.55
C VAL A 110 -15.65 2.94 0.60
N LEU A 111 -16.90 2.80 1.06
CA LEU A 111 -17.31 1.76 2.00
C LEU A 111 -17.83 0.55 1.25
N THR A 112 -17.21 -0.61 1.50
CA THR A 112 -17.64 -1.85 0.88
C THR A 112 -18.08 -2.83 1.95
N GLN A 113 -18.92 -3.77 1.55
CA GLN A 113 -19.50 -4.72 2.48
C GLN A 113 -19.79 -6.00 1.76
N THR A 114 -19.60 -7.11 2.47
CA THR A 114 -19.99 -8.44 2.02
C THR A 114 -20.97 -9.05 3.00
N THR A 115 -22.05 -9.64 2.49
CA THR A 115 -22.98 -10.42 3.29
C THR A 115 -22.46 -11.83 3.38
N ARG A 116 -22.17 -12.27 4.60
CA ARG A 116 -21.49 -13.54 4.84
C ARG A 116 -22.23 -14.75 4.25
N THR A 117 -23.54 -14.81 4.44
CA THR A 117 -24.29 -15.98 4.02
C THR A 117 -24.28 -16.27 2.50
N ASP A 118 -24.39 -15.25 1.63
CA ASP A 118 -24.53 -15.52 0.20
C ASP A 118 -23.44 -14.85 -0.64
N GLY A 119 -22.59 -14.05 -0.02
CA GLY A 119 -21.49 -13.42 -0.73
C GLY A 119 -21.90 -12.27 -1.61
N SER A 120 -23.09 -11.71 -1.34
CA SER A 120 -23.54 -10.51 -2.01
C SER A 120 -22.69 -9.36 -1.49
N THR A 121 -22.45 -8.38 -2.35
CA THR A 121 -21.54 -7.29 -2.05
C THR A 121 -22.12 -5.94 -2.48
N ARG A 122 -21.57 -4.86 -1.92
CA ARG A 122 -22.07 -3.52 -2.19
C ARG A 122 -20.98 -2.53 -1.80
N GLY A 123 -20.93 -1.40 -2.50
CA GLY A 123 -19.96 -0.36 -2.18
C GLY A 123 -20.56 1.01 -2.41
N HIS A 124 -20.24 1.96 -1.55
CA HIS A 124 -20.78 3.32 -1.65
C HIS A 124 -19.76 4.38 -1.30
N LYS A 125 -19.83 5.49 -2.03
CA LYS A 125 -19.05 6.67 -1.71
C LYS A 125 -19.26 7.01 -0.24
N ALA A 126 -18.16 7.32 0.43
CA ALA A 126 -18.16 7.60 1.86
C ALA A 126 -17.10 8.62 2.23
N THR A 127 -17.44 9.48 3.18
CA THR A 127 -16.51 10.47 3.68
C THR A 127 -16.46 10.39 5.20
N VAL A 128 -15.27 10.44 5.76
CA VAL A 128 -15.11 10.55 7.21
C VAL A 128 -14.50 11.91 7.53
N TYR A 129 -15.17 12.64 8.41
CA TYR A 129 -14.68 13.95 8.87
C TYR A 129 -13.92 13.72 10.17
N THR A 130 -12.60 13.80 10.13
CA THR A 130 -11.82 13.41 11.31
C THR A 130 -11.77 14.49 12.38
N GLY A 131 -12.36 15.64 12.09
CA GLY A 131 -12.54 16.70 13.09
C GLY A 131 -13.89 16.69 13.77
N SER A 132 -14.69 15.70 13.40
CA SER A 132 -16.07 15.58 13.87
C SER A 132 -16.13 15.21 15.36
N ALA A 133 -17.14 15.70 16.07
CA ALA A 133 -17.33 15.34 17.49
C ALA A 133 -17.45 13.84 17.65
N ASP A 134 -17.98 13.18 16.64
CA ASP A 134 -18.22 11.74 16.68
C ASP A 134 -17.15 10.94 15.96
N PHE A 135 -16.02 11.56 15.64
CA PHE A 135 -14.84 10.81 15.23
C PHE A 135 -14.15 10.35 16.51
N ALA A 136 -14.37 9.10 16.91
CA ALA A 136 -13.84 8.61 18.18
C ALA A 136 -13.19 7.21 17.98
N PRO A 137 -12.24 7.09 17.05
CA PRO A 137 -11.65 5.77 16.77
C PRO A 137 -11.02 5.10 17.99
N LYS A 138 -10.46 5.89 18.93
CA LYS A 138 -9.88 5.31 20.15
C LYS A 138 -10.95 4.61 20.99
N LEU A 139 -12.18 5.13 21.00
CA LEU A 139 -13.30 4.49 21.66
C LEU A 139 -13.92 3.36 20.80
N GLY A 140 -13.52 3.29 19.54
CA GLY A 140 -13.97 2.24 18.65
C GLY A 140 -15.12 2.62 17.72
N ARG A 141 -15.36 3.91 17.53
CA ARG A 141 -16.49 4.39 16.74
CA ARG A 141 -16.46 4.33 16.69
C ARG A 141 -16.11 5.51 15.80
N VAL A 142 -16.49 5.41 14.53
CA VAL A 142 -16.34 6.50 13.55
C VAL A 142 -17.58 6.59 12.69
N GLN A 143 -17.93 7.81 12.29
CA GLN A 143 -19.09 8.06 11.46
C GLN A 143 -18.68 8.30 10.01
N PHE A 144 -19.43 7.71 9.09
CA PHE A 144 -19.22 7.93 7.66
C PHE A 144 -20.45 8.57 7.07
N GLU A 145 -20.27 9.59 6.25
CA GLU A 145 -21.35 10.13 5.45
C GLU A 145 -21.32 9.41 4.12
N THR A 146 -22.46 8.86 3.68
CA THR A 146 -22.48 8.04 2.47
C THR A 146 -23.52 8.54 1.49
N ASP A 147 -23.64 7.87 0.35
CA ASP A 147 -24.67 8.22 -0.63
C ASP A 147 -25.86 7.25 -0.58
N THR A 148 -26.02 6.56 0.55
CA THR A 148 -27.19 5.69 0.72
C THR A 148 -27.82 5.84 2.10
N ASP A 149 -29.13 5.63 2.17
CA ASP A 149 -29.80 5.52 3.46
C ASP A 149 -30.37 4.12 3.64
N ARG A 150 -29.94 3.13 2.85
CA ARG A 150 -30.63 1.84 2.97
C ARG A 150 -29.83 0.61 2.60
N ASP A 151 -28.71 0.78 1.91
CA ASP A 151 -28.14 -0.39 1.27
C ASP A 151 -27.24 -1.22 2.21
N PHE A 152 -26.60 -0.59 3.21
CA PHE A 152 -25.73 -1.36 4.11
C PHE A 152 -26.49 -2.15 5.17
N GLU A 153 -26.06 -3.37 5.37
CA GLU A 153 -26.68 -4.28 6.33
C GLU A 153 -25.92 -4.23 7.66
N ALA A 154 -26.62 -4.53 8.76
CA ALA A 154 -25.98 -4.62 10.07
C ALA A 154 -25.27 -5.95 10.25
N ASN A 155 -24.29 -6.00 11.16
CA ASN A 155 -23.63 -7.26 11.50
C ASN A 155 -22.98 -7.95 10.31
N GLN A 156 -22.43 -7.15 9.37
CA GLN A 156 -21.69 -7.66 8.23
C GLN A 156 -20.39 -6.89 8.07
N ASN A 157 -19.32 -7.60 7.73
CA ASN A 157 -18.00 -7.02 7.52
C ASN A 157 -18.02 -5.85 6.53
N THR A 158 -17.50 -4.73 6.97
CA THR A 158 -17.53 -3.49 6.22
C THR A 158 -16.15 -2.86 6.28
N LYS A 159 -15.68 -2.35 5.14
CA LYS A 159 -14.38 -1.74 5.02
C LYS A 159 -14.43 -0.35 4.38
N PHE A 160 -13.65 0.58 4.92
CA PHE A 160 -13.41 1.85 4.26
C PHE A 160 -12.06 1.85 3.58
N THR A 161 -12.06 2.08 2.28
CA THR A 161 -10.83 2.24 1.50
C THR A 161 -10.68 3.73 1.21
N PRO A 162 -9.58 4.36 1.67
CA PRO A 162 -9.43 5.79 1.42
C PRO A 162 -9.01 6.08 -0.01
N VAL A 163 -9.42 7.23 -0.56
CA VAL A 163 -9.00 7.63 -1.89
C VAL A 163 -8.31 9.00 -1.85
N GLY A 164 -8.93 9.99 -1.20
CA GLY A 164 -8.38 11.34 -1.23
C GLY A 164 -9.06 12.25 -0.25
N VAL A 165 -8.93 13.55 -0.47
CA VAL A 165 -9.48 14.54 0.44
C VAL A 165 -10.34 15.54 -0.31
N ILE A 166 -11.25 16.18 0.43
CA ILE A 166 -12.12 17.19 -0.13
C ILE A 166 -12.04 18.50 0.64
N GLN A 167 -12.59 19.54 0.03
CA GLN A 167 -12.67 20.84 0.63
C GLN A 167 -13.96 21.50 0.18
N ASP A 168 -14.50 22.41 0.99
CA ASP A 168 -15.68 23.21 0.64
C ASP A 168 -15.29 24.45 -0.20
N GLY A 169 -15.55 24.39 -1.51
CA GLY A 169 -15.07 25.44 -2.41
C GLY A 169 -15.73 26.82 -2.24
N GLY A 170 -16.74 26.92 -1.39
CA GLY A 170 -17.38 28.20 -1.08
C GLY A 170 -16.65 28.93 0.05
N THR A 171 -15.56 28.33 0.50
CA THR A 171 -14.72 28.89 1.55
C THR A 171 -13.27 28.95 1.03
N THR A 172 -12.45 29.72 1.75
CA THR A 172 -11.05 30.00 1.36
C THR A 172 -10.33 28.76 0.85
N HIS A 173 -9.74 28.83 -0.34
CA HIS A 173 -9.14 27.64 -0.94
C HIS A 173 -7.98 27.14 -0.11
N ARG A 174 -7.86 25.81 -0.08
CA ARG A 174 -6.79 25.10 0.61
C ARG A 174 -6.80 25.33 2.13
N ASN A 175 -7.96 25.64 2.71
CA ASN A 175 -8.05 25.80 4.16
C ASN A 175 -8.18 24.48 4.91
N GLU A 176 -8.42 23.41 4.16
CA GLU A 176 -8.44 22.07 4.72
C GLU A 176 -7.99 21.09 3.62
N PRO A 177 -7.54 19.89 4.01
CA PRO A 177 -7.26 19.45 5.40
C PRO A 177 -6.18 20.27 6.09
N GLN A 178 -5.99 19.97 7.37
CA GLN A 178 -4.93 20.56 8.17
C GLN A 178 -3.99 19.44 8.62
N GLN A 179 -2.95 19.18 7.85
CA GLN A 179 -2.17 17.96 8.07
C GLN A 179 -1.42 17.92 9.39
N TRP A 180 -1.23 19.07 10.04
CA TRP A 180 -0.52 19.07 11.30
C TRP A 180 -1.41 19.20 12.52
N VAL A 181 -2.73 19.14 12.33
CA VAL A 181 -3.66 19.17 13.45
C VAL A 181 -4.14 17.73 13.72
N LEU A 182 -3.76 17.17 14.86
CA LEU A 182 -4.21 15.82 15.22
C LEU A 182 -5.69 15.82 15.57
N PRO A 183 -6.39 14.75 15.18
CA PRO A 183 -7.74 14.56 15.68
C PRO A 183 -7.76 14.38 17.19
N SER A 184 -8.92 14.60 17.80
CA SER A 184 -9.15 14.13 19.16
CA SER A 184 -9.16 14.15 19.16
C SER A 184 -9.69 12.72 19.03
N TYR A 185 -8.83 11.75 19.29
CA TYR A 185 -9.11 10.39 18.92
C TYR A 185 -10.26 9.74 19.69
N SER A 186 -10.59 10.28 20.86
CA SER A 186 -11.73 9.78 21.63
C SER A 186 -12.95 10.68 21.51
N GLY A 187 -12.93 11.63 20.57
CA GLY A 187 -14.09 12.52 20.38
C GLY A 187 -13.98 13.86 21.11
N ARG A 188 -15.03 14.67 21.02
CA ARG A 188 -15.02 16.01 21.64
C ARG A 188 -14.84 15.98 23.18
N ASN A 189 -14.11 16.96 23.74
CA ASN A 189 -13.84 17.10 25.19
C ASN A 189 -13.08 15.90 25.78
N THR A 190 -12.22 15.32 24.95
CA THR A 190 -11.35 14.25 25.41
C THR A 190 -9.93 14.66 25.08
N HIS A 191 -9.00 13.96 25.70
CA HIS A 191 -7.59 14.22 25.54
C HIS A 191 -6.88 13.01 24.97
N ASN A 192 -5.99 13.22 24.02
CA ASN A 192 -5.26 12.11 23.45
C ASN A 192 -4.28 11.49 24.46
N VAL A 193 -3.93 10.23 24.20
CA VAL A 193 -2.99 9.50 25.03
C VAL A 193 -1.94 8.78 24.18
N HIS A 194 -0.83 8.45 24.81
CA HIS A 194 0.21 7.62 24.21
C HIS A 194 0.75 8.15 22.90
N LEU A 195 0.77 9.46 22.74
CA LEU A 195 1.23 10.03 21.47
C LEU A 195 2.74 9.89 21.28
N ALA A 196 3.14 9.62 20.04
CA ALA A 196 4.51 9.89 19.65
C ALA A 196 4.78 11.38 19.83
N PRO A 197 5.97 11.72 20.31
CA PRO A 197 6.24 13.14 20.63
C PRO A 197 6.28 14.07 19.43
N ALA A 198 6.00 15.34 19.69
CA ALA A 198 6.23 16.37 18.70
C ALA A 198 7.72 16.43 18.39
N VAL A 199 8.06 16.84 17.17
CA VAL A 199 9.44 16.96 16.76
C VAL A 199 9.82 18.36 16.27
N ALA A 200 11.07 18.69 16.47
CA ALA A 200 11.57 19.99 16.09
C ALA A 200 13.08 19.91 15.96
N PRO A 201 13.65 20.70 15.04
CA PRO A 201 15.11 20.79 15.06
C PRO A 201 15.55 21.48 16.36
N THR A 202 16.69 21.07 16.89
CA THR A 202 17.22 21.68 18.10
C THR A 202 18.51 22.46 17.79
N PHE A 203 19.13 22.11 16.67
CA PHE A 203 20.43 22.65 16.31
C PHE A 203 20.25 23.95 15.55
N PRO A 204 21.08 24.96 15.86
CA PRO A 204 20.95 26.23 15.14
C PRO A 204 21.07 26.08 13.64
N GLY A 205 20.18 26.75 12.91
CA GLY A 205 20.20 26.76 11.46
C GLY A 205 19.56 25.55 10.79
N GLU A 206 19.03 24.62 11.59
CA GLU A 206 18.44 23.41 11.05
C GLU A 206 16.92 23.47 10.93
N GLN A 207 16.41 22.73 9.96
CA GLN A 207 14.97 22.52 9.74
C GLN A 207 14.70 21.04 9.57
N LEU A 208 13.46 20.64 9.81
CA LEU A 208 13.02 19.31 9.44
C LEU A 208 13.10 19.14 7.91
N LEU A 209 13.44 17.92 7.51
CA LEU A 209 13.31 17.46 6.13
C LEU A 209 12.08 16.58 6.04
N PHE A 210 11.19 16.92 5.10
CA PHE A 210 9.91 16.25 4.94
C PHE A 210 9.91 15.43 3.68
N PHE A 211 9.28 14.26 3.78
CA PHE A 211 9.08 13.37 2.66
C PHE A 211 7.63 13.60 2.17
N ARG A 212 7.49 14.21 0.99
CA ARG A 212 6.24 14.83 0.60
C ARG A 212 5.56 14.10 -0.54
N SER A 213 4.24 14.01 -0.40
CA SER A 213 3.33 13.56 -1.42
C SER A 213 2.22 14.58 -1.62
N THR A 214 1.43 14.34 -2.66
CA THR A 214 0.24 15.12 -2.98
C THR A 214 -0.94 14.16 -2.91
N MET A 215 -1.80 14.34 -1.91
CA MET A 215 -2.98 13.49 -1.81
C MET A 215 -3.92 13.77 -2.98
N PRO A 216 -4.57 12.73 -3.49
CA PRO A 216 -5.64 13.01 -4.45
C PRO A 216 -6.72 13.86 -3.81
N GLY A 217 -7.27 14.74 -4.64
CA GLY A 217 -8.42 15.54 -4.26
C GLY A 217 -9.64 15.05 -4.99
N CYS A 218 -10.77 15.02 -4.27
CA CYS A 218 -12.02 14.48 -4.79
C CYS A 218 -13.13 15.48 -4.96
N SER A 219 -12.91 16.72 -4.48
CA SER A 219 -13.94 17.76 -4.56
C SER A 219 -13.39 19.06 -3.97
N GLY A 220 -13.75 20.20 -4.57
CA GLY A 220 -13.33 21.48 -4.04
C GLY A 220 -11.86 21.77 -4.25
N TYR A 221 -11.31 22.57 -3.35
CA TYR A 221 -9.93 23.08 -3.46
C TYR A 221 -9.12 22.73 -2.21
N PRO A 222 -8.85 21.44 -2.01
CA PRO A 222 -8.15 21.04 -0.79
C PRO A 222 -6.66 21.34 -0.83
N ASN A 223 -6.07 21.50 0.36
CA ASN A 223 -4.64 21.42 0.54
C ASN A 223 -4.23 19.96 0.51
N MET A 224 -3.58 19.59 -0.57
CA MET A 224 -3.25 18.19 -0.81
C MET A 224 -1.84 17.85 -0.34
N ASP A 225 -1.10 18.81 0.20
CA ASP A 225 0.24 18.52 0.72
C ASP A 225 0.18 17.53 1.88
N LEU A 226 1.04 16.52 1.83
CA LEU A 226 1.16 15.57 2.91
C LEU A 226 2.61 15.19 3.14
N ASP A 227 3.10 15.60 4.30
CA ASP A 227 4.50 15.43 4.66
C ASP A 227 4.64 14.39 5.75
N CYS A 228 5.51 13.39 5.52
CA CYS A 228 5.81 12.42 6.58
C CYS A 228 7.28 12.56 7.00
N LEU A 229 7.57 12.10 8.21
CA LEU A 229 8.89 12.25 8.79
C LEU A 229 9.81 11.14 8.33
N LEU A 230 9.21 10.02 7.97
CA LEU A 230 9.95 8.85 7.49
C LEU A 230 9.16 8.18 6.39
N PRO A 231 9.81 7.82 5.29
CA PRO A 231 9.13 6.95 4.32
C PRO A 231 8.61 5.68 4.97
N GLN A 232 7.50 5.13 4.47
CA GLN A 232 6.99 3.90 5.06
C GLN A 232 8.04 2.79 4.94
N GLU A 233 8.82 2.79 3.87
CA GLU A 233 9.84 1.76 3.71
C GLU A 233 10.96 1.87 4.75
N TRP A 234 11.20 3.07 5.27
CA TRP A 234 12.20 3.21 6.34
C TRP A 234 11.65 2.63 7.64
N VAL A 235 10.37 2.87 7.92
CA VAL A 235 9.67 2.24 9.04
C VAL A 235 9.81 0.72 8.90
N GLN A 236 9.48 0.20 7.73
CA GLN A 236 9.56 -1.25 7.52
C GLN A 236 10.99 -1.77 7.69
N TYR A 237 11.96 -1.03 7.17
CA TYR A 237 13.37 -1.47 7.21
C TYR A 237 13.96 -1.44 8.63
N PHE A 238 13.72 -0.35 9.35
CA PHE A 238 14.24 -0.22 10.73
C PHE A 238 13.60 -1.29 11.61
N TYR A 239 12.31 -1.52 11.41
CA TYR A 239 11.64 -2.57 12.18
C TYR A 239 12.29 -3.95 11.93
N GLN A 240 12.62 -4.22 10.68
CA GLN A 240 13.21 -5.49 10.27
C GLN A 240 14.67 -5.63 10.78
N GLU A 241 15.43 -4.57 10.61
CA GLU A 241 16.86 -4.58 10.92
C GLU A 241 17.12 -4.51 12.41
N ALA A 242 16.37 -3.66 13.10
CA ALA A 242 16.52 -3.44 14.54
C ALA A 242 17.98 -3.23 14.92
N ALA A 243 18.69 -2.42 14.15
CA ALA A 243 20.11 -2.22 14.42
C ALA A 243 20.26 -1.25 15.60
N PRO A 244 21.08 -1.61 16.60
CA PRO A 244 21.27 -0.74 17.77
C PRO A 244 21.82 0.62 17.35
N ALA A 245 21.33 1.67 17.99
CA ALA A 245 21.80 3.03 17.72
C ALA A 245 23.07 3.31 18.53
N GLN A 246 24.12 3.81 17.89
CA GLN A 246 25.37 4.03 18.62
C GLN A 246 25.48 5.47 19.13
N SER A 247 24.60 6.34 18.65
CA SER A 247 24.43 7.68 19.18
C SER A 247 22.99 8.11 18.89
N ASP A 248 22.67 9.36 19.17
CA ASP A 248 21.32 9.86 18.94
C ASP A 248 21.15 10.40 17.52
N VAL A 249 22.24 10.44 16.76
CA VAL A 249 22.21 11.03 15.43
C VAL A 249 23.02 10.24 14.40
N ALA A 250 22.34 9.80 13.35
CA ALA A 250 22.94 9.15 12.20
C ALA A 250 23.13 10.14 11.07
N LEU A 251 24.37 10.33 10.65
CA LEU A 251 24.64 11.19 9.52
C LEU A 251 24.37 10.47 8.21
N LEU A 252 23.46 10.99 7.39
CA LEU A 252 23.20 10.45 6.06
C LEU A 252 23.71 11.40 5.00
N ARG A 253 24.21 10.85 3.89
CA ARG A 253 24.55 11.61 2.70
C ARG A 253 23.60 11.23 1.57
N PHE A 254 23.10 12.24 0.85
CA PHE A 254 22.25 11.97 -0.29
C PHE A 254 23.15 11.99 -1.50
N VAL A 255 23.22 10.85 -2.17
CA VAL A 255 24.25 10.58 -3.16
C VAL A 255 23.65 10.42 -4.54
N ASN A 256 24.35 10.95 -5.53
CA ASN A 256 24.01 10.73 -6.93
C ASN A 256 24.82 9.55 -7.41
N PRO A 257 24.18 8.39 -7.64
CA PRO A 257 24.99 7.21 -7.98
C PRO A 257 25.68 7.32 -9.34
N ASP A 258 25.22 8.24 -10.19
CA ASP A 258 25.85 8.48 -11.50
C ASP A 258 27.24 9.12 -11.43
N THR A 259 27.45 9.99 -10.44
CA THR A 259 28.70 10.75 -10.29
C THR A 259 29.41 10.36 -9.03
N GLY A 260 28.65 9.76 -8.11
CA GLY A 260 29.14 9.42 -6.80
C GLY A 260 29.25 10.67 -5.93
N ARG A 261 28.76 11.80 -6.43
CA ARG A 261 28.88 13.05 -5.69
C ARG A 261 27.72 13.19 -4.69
N VAL A 262 28.04 13.72 -3.53
CA VAL A 262 27.06 14.00 -2.50
C VAL A 262 26.34 15.28 -2.84
N LEU A 263 25.01 15.23 -2.89
CA LEU A 263 24.22 16.41 -3.15
C LEU A 263 24.01 17.20 -1.86
N PHE A 264 23.69 16.49 -0.77
CA PHE A 264 23.55 17.11 0.55
C PHE A 264 23.70 16.07 1.64
N GLU A 265 23.94 16.52 2.86
CA GLU A 265 23.92 15.62 4.01
C GLU A 265 22.83 16.05 4.97
N CYS A 266 22.40 15.13 5.83
CA CYS A 266 21.34 15.38 6.77
C CYS A 266 21.51 14.50 8.00
N LYS A 267 20.77 14.83 9.05
CA LYS A 267 20.77 14.06 10.29
C LYS A 267 19.52 13.24 10.41
N LEU A 268 19.69 11.93 10.53
CA LEU A 268 18.58 11.04 10.90
C LEU A 268 18.66 10.83 12.39
N HIS A 269 17.71 11.43 13.10
CA HIS A 269 17.64 11.32 14.53
C HIS A 269 17.12 9.96 14.97
N LYS A 270 17.70 9.45 16.04
CA LYS A 270 17.39 8.11 16.54
C LYS A 270 15.90 7.90 16.79
N SER A 271 15.21 8.94 17.24
CA SER A 271 13.81 8.81 17.59
C SER A 271 12.92 8.92 16.33
N GLY A 272 13.53 9.14 15.16
CA GLY A 272 12.83 8.93 13.90
C GLY A 272 12.34 10.13 13.12
N TYR A 273 13.26 11.03 12.79
CA TYR A 273 12.98 12.15 11.88
C TYR A 273 14.30 12.68 11.38
N VAL A 274 14.23 13.55 10.37
CA VAL A 274 15.41 14.02 9.64
C VAL A 274 15.49 15.54 9.67
N THR A 275 16.69 16.08 9.90
CA THR A 275 16.91 17.52 9.78
C THR A 275 18.01 17.85 8.79
N VAL A 276 17.94 19.07 8.24
CA VAL A 276 18.95 19.59 7.33
C VAL A 276 19.33 21.01 7.74
N ALA A 277 20.49 21.47 7.29
CA ALA A 277 20.90 22.84 7.52
C ALA A 277 20.36 23.71 6.37
N HIS A 278 19.23 24.35 6.61
CA HIS A 278 18.62 25.27 5.65
C HIS A 278 17.71 26.23 6.39
N THR A 279 17.58 27.44 5.88
CA THR A 279 16.64 28.42 6.41
C THR A 279 15.68 28.86 5.30
N GLY A 280 14.41 28.56 5.49
CA GLY A 280 13.36 28.96 4.58
C GLY A 280 12.70 27.80 3.88
N GLN A 281 11.63 28.10 3.15
CA GLN A 281 10.91 27.05 2.43
C GLN A 281 11.65 26.68 1.16
N HIS A 282 11.80 25.38 0.96
CA HIS A 282 12.58 24.91 -0.19
C HIS A 282 12.13 23.55 -0.66
N ASP A 283 11.71 23.48 -1.91
CA ASP A 283 11.53 22.24 -2.65
C ASP A 283 12.88 21.76 -3.12
N LEU A 284 13.32 20.60 -2.67
CA LEU A 284 14.63 20.14 -3.09
C LEU A 284 14.61 19.66 -4.53
N VAL A 285 15.64 20.02 -5.26
CA VAL A 285 15.88 19.51 -6.61
C VAL A 285 16.91 18.39 -6.51
N ILE A 286 16.48 17.18 -6.84
CA ILE A 286 17.30 15.98 -6.71
C ILE A 286 17.30 15.20 -8.01
N PRO A 287 18.39 14.47 -8.28
CA PRO A 287 18.37 13.59 -9.45
C PRO A 287 17.46 12.43 -9.10
N PRO A 288 16.72 11.90 -10.09
CA PRO A 288 15.69 10.92 -9.76
C PRO A 288 16.26 9.59 -9.23
N ASN A 289 17.52 9.30 -9.52
CA ASN A 289 18.17 8.06 -9.05
C ASN A 289 18.98 8.27 -7.76
N GLY A 290 18.84 9.45 -7.16
CA GLY A 290 19.52 9.76 -5.92
C GLY A 290 19.01 8.90 -4.76
N TYR A 291 19.86 8.68 -3.77
CA TYR A 291 19.46 7.87 -2.61
C TYR A 291 20.24 8.32 -1.37
N PHE A 292 19.70 7.93 -0.20
CA PHE A 292 20.29 8.22 1.09
C PHE A 292 21.27 7.10 1.45
N ARG A 293 22.39 7.48 2.04
CA ARG A 293 23.42 6.54 2.49
C ARG A 293 23.87 6.88 3.89
N PHE A 294 23.79 5.92 4.81
CA PHE A 294 24.30 6.12 6.15
C PHE A 294 25.82 6.06 6.17
N ASP A 295 26.45 7.10 6.70
CA ASP A 295 27.92 7.17 6.72
C ASP A 295 28.54 7.03 8.10
N SER A 296 27.92 7.61 9.12
CA SER A 296 28.48 7.55 10.45
C SER A 296 27.50 7.99 11.53
N TRP A 297 27.69 7.47 12.74
CA TRP A 297 27.01 7.97 13.92
C TRP A 297 27.80 9.21 14.36
N VAL A 298 27.12 10.29 14.68
CA VAL A 298 27.79 11.50 15.13
C VAL A 298 27.28 11.91 16.50
N ASN A 299 28.04 12.76 17.18
CA ASN A 299 27.64 13.25 18.50
C ASN A 299 26.68 14.42 18.37
N GLN A 300 26.40 15.10 19.49
CA GLN A 300 25.37 16.15 19.51
C GLN A 300 25.89 17.49 19.00
N PHE A 301 27.16 17.54 18.63
CA PHE A 301 27.77 18.82 18.23
C PHE A 301 28.08 18.92 16.75
N TYR A 302 27.61 17.97 15.94
CA TYR A 302 27.96 17.94 14.52
C TYR A 302 27.24 19.02 13.71
N THR A 303 28.01 19.81 12.96
CA THR A 303 27.41 20.83 12.12
C THR A 303 27.32 20.33 10.68
N LEU A 304 26.10 20.30 10.16
CA LEU A 304 25.84 19.93 8.77
C LEU A 304 26.28 20.99 7.81
N ALA A 305 26.79 20.54 6.66
CA ALA A 305 27.03 21.46 5.58
C ALA A 305 25.69 22.05 5.13
N PRO A 306 25.66 23.37 4.92
CA PRO A 306 24.47 24.03 4.39
C PRO A 306 23.97 23.42 3.11
N MET A 307 22.66 23.30 2.98
CA MET A 307 22.07 22.92 1.70
C MET A 307 20.97 23.92 1.40
N SER B 1 29.90 -14.61 -0.48
CA SER B 1 28.53 -14.50 -0.99
C SER B 1 27.56 -14.03 0.10
N LYS B 2 26.73 -13.06 -0.21
CA LYS B 2 25.76 -12.57 0.76
C LYS B 2 24.73 -13.63 1.14
N PRO B 3 24.55 -13.90 2.44
CA PRO B 3 23.58 -14.96 2.78
C PRO B 3 22.14 -14.59 2.48
N PHE B 4 21.43 -15.58 1.94
CA PHE B 4 20.03 -15.42 1.67
C PHE B 4 19.20 -15.46 2.96
N SER B 5 18.03 -14.84 2.90
CA SER B 5 17.08 -14.81 4.01
C SER B 5 15.73 -14.36 3.50
N VAL B 6 14.69 -14.55 4.32
CA VAL B 6 13.40 -13.98 4.05
C VAL B 6 13.00 -13.11 5.24
N PRO B 7 12.09 -12.17 5.02
CA PRO B 7 11.74 -11.26 6.11
C PRO B 7 11.08 -11.97 7.31
N VAL B 8 11.32 -11.46 8.52
CA VAL B 8 10.61 -11.91 9.71
C VAL B 8 9.33 -11.08 9.82
N LEU B 9 8.33 -11.53 9.09
CA LEU B 9 7.01 -10.90 9.08
C LEU B 9 6.00 -12.01 9.10
N THR B 10 4.95 -11.80 9.86
CA THR B 10 3.83 -12.71 9.85
C THR B 10 3.03 -12.52 8.56
N VAL B 11 2.18 -13.49 8.28
CA VAL B 11 1.30 -13.37 7.12
C VAL B 11 0.43 -12.12 7.19
N GLU B 12 -0.18 -11.84 8.34
CA GLU B 12 -1.11 -10.72 8.46
C GLU B 12 -0.38 -9.38 8.45
N GLU B 13 0.93 -9.38 8.66
CA GLU B 13 1.73 -8.16 8.58
C GLU B 13 2.12 -7.82 7.14
N MET B 14 1.86 -8.74 6.21
CA MET B 14 2.30 -8.58 4.84
C MET B 14 1.13 -8.23 3.92
N THR B 15 1.48 -7.98 2.67
CA THR B 15 0.59 -7.37 1.69
C THR B 15 0.52 -8.23 0.44
N ASN B 16 -0.65 -8.35 -0.15
CA ASN B 16 -0.81 -9.05 -1.42
C ASN B 16 -0.02 -8.28 -2.48
N SER B 17 0.63 -9.01 -3.37
CA SER B 17 1.42 -8.40 -4.43
C SER B 17 0.60 -8.22 -5.68
N ARG B 18 -0.68 -8.60 -5.66
CA ARG B 18 -1.51 -8.50 -6.86
C ARG B 18 -2.68 -7.53 -6.74
N PHE B 19 -2.88 -6.96 -5.54
CA PHE B 19 -3.92 -5.95 -5.28
C PHE B 19 -3.53 -5.31 -3.97
N PRO B 20 -3.79 -4.01 -3.78
CA PRO B 20 -3.28 -3.32 -2.60
C PRO B 20 -4.09 -3.53 -1.34
N ILE B 21 -4.00 -4.77 -0.80
CA ILE B 21 -4.73 -5.19 0.38
C ILE B 21 -3.85 -6.16 1.18
N PRO B 22 -4.09 -6.26 2.48
CA PRO B 22 -3.26 -7.17 3.28
C PRO B 22 -3.44 -8.62 2.93
N LEU B 23 -2.42 -9.43 3.19
CA LEU B 23 -2.60 -10.88 3.22
C LEU B 23 -3.49 -11.25 4.37
N GLU B 24 -4.22 -12.35 4.20
CA GLU B 24 -5.06 -12.89 5.27
C GLU B 24 -4.64 -14.28 5.71
N LYS B 25 -4.20 -15.09 4.77
CA LYS B 25 -3.95 -16.50 5.10
C LYS B 25 -3.14 -17.19 4.04
N LEU B 26 -2.74 -18.42 4.36
CA LEU B 26 -2.02 -19.27 3.45
C LEU B 26 -2.99 -20.34 2.98
N PHE B 27 -2.90 -20.69 1.69
CA PHE B 27 -3.78 -21.64 1.08
C PHE B 27 -2.96 -22.48 0.14
N THR B 28 -3.21 -23.80 0.13
CA THR B 28 -2.61 -24.65 -0.93
C THR B 28 -3.74 -25.38 -1.62
N GLY B 29 -3.57 -25.62 -2.92
CA GLY B 29 -4.56 -26.37 -3.67
C GLY B 29 -3.91 -26.87 -4.93
N PRO B 30 -4.51 -27.84 -5.59
CA PRO B 30 -4.02 -28.30 -6.89
C PRO B 30 -4.21 -27.23 -7.95
N SER B 31 -3.35 -27.25 -8.96
CA SER B 31 -3.45 -26.24 -10.01
C SER B 31 -3.10 -26.83 -11.36
N SER B 32 -3.25 -28.15 -11.49
CA SER B 32 -2.95 -28.81 -12.75
C SER B 32 -4.03 -28.53 -13.78
N ALA B 33 -5.19 -28.07 -13.35
CA ALA B 33 -6.31 -27.92 -14.26
C ALA B 33 -6.36 -26.56 -14.91
N PHE B 34 -5.49 -25.65 -14.48
CA PHE B 34 -5.47 -24.30 -15.05
C PHE B 34 -4.06 -23.71 -15.04
N VAL B 35 -3.90 -22.56 -15.69
CA VAL B 35 -2.60 -21.94 -15.83
C VAL B 35 -2.39 -20.89 -14.75
N VAL B 36 -1.29 -21.02 -14.02
CA VAL B 36 -0.94 -20.08 -12.98
C VAL B 36 0.20 -19.23 -13.51
N GLN B 37 -0.12 -18.03 -13.97
CA GLN B 37 0.87 -17.16 -14.60
C GLN B 37 0.65 -15.68 -14.26
N PRO B 38 0.51 -15.36 -12.95
CA PRO B 38 0.37 -13.98 -12.56
C PRO B 38 1.61 -13.18 -12.96
N GLN B 39 1.43 -11.89 -13.19
CA GLN B 39 2.49 -11.03 -13.62
C GLN B 39 2.90 -10.05 -12.57
N ASN B 40 2.03 -9.78 -11.60
CA ASN B 40 2.41 -9.06 -10.40
C ASN B 40 2.80 -10.06 -9.31
N GLY B 41 3.67 -9.61 -8.43
CA GLY B 41 4.23 -10.47 -7.39
C GLY B 41 5.18 -11.54 -7.94
N ARG B 42 5.95 -11.15 -8.94
CA ARG B 42 6.93 -12.04 -9.56
C ARG B 42 8.34 -11.44 -9.41
N CYS B 43 9.23 -12.21 -8.78
CA CYS B 43 10.56 -11.78 -8.45
C CYS B 43 11.41 -13.00 -8.19
N THR B 44 12.65 -13.00 -8.62
CA THR B 44 13.55 -14.11 -8.27
C THR B 44 14.04 -13.95 -6.82
N THR B 45 14.55 -15.03 -6.21
CA THR B 45 15.06 -14.90 -4.87
C THR B 45 16.28 -14.01 -4.79
N ASP B 46 17.00 -13.82 -5.90
CA ASP B 46 18.16 -12.91 -5.87
C ASP B 46 17.78 -11.50 -6.36
N GLY B 47 16.50 -11.24 -6.43
CA GLY B 47 16.00 -9.86 -6.51
C GLY B 47 15.76 -9.24 -7.89
N VAL B 48 15.54 -10.07 -8.90
CA VAL B 48 15.25 -9.58 -10.25
C VAL B 48 13.75 -9.58 -10.40
N LEU B 49 13.18 -8.39 -10.61
CA LEU B 49 11.74 -8.26 -10.77
C LEU B 49 11.35 -8.79 -12.12
N LEU B 50 10.19 -9.43 -12.20
CA LEU B 50 9.70 -10.08 -13.41
C LEU B 50 8.30 -9.60 -13.79
N GLY B 51 7.86 -9.90 -15.02
CA GLY B 51 6.47 -9.63 -15.40
C GLY B 51 6.20 -8.14 -15.32
N THR B 52 5.11 -7.76 -14.66
CA THR B 52 4.76 -6.36 -14.52
C THR B 52 5.04 -5.90 -13.08
N THR B 53 5.92 -6.62 -12.37
CA THR B 53 6.08 -6.40 -10.95
C THR B 53 6.94 -5.15 -10.70
N GLN B 54 6.49 -4.31 -9.78
CA GLN B 54 7.27 -3.19 -9.30
C GLN B 54 7.19 -3.15 -7.78
N LEU B 55 7.84 -2.16 -7.15
CA LEU B 55 8.08 -2.22 -5.70
C LEU B 55 6.99 -1.65 -4.82
N SER B 56 6.21 -0.72 -5.36
CA SER B 56 5.21 -0.01 -4.56
C SER B 56 3.98 -0.84 -4.29
N PRO B 57 3.65 -1.08 -3.02
CA PRO B 57 2.42 -1.80 -2.79
C PRO B 57 1.17 -1.02 -3.17
N VAL B 58 1.27 0.31 -3.13
CA VAL B 58 0.06 1.12 -3.34
C VAL B 58 -0.18 1.39 -4.83
N ASN B 59 0.83 1.16 -5.68
CA ASN B 59 0.64 1.36 -7.10
C ASN B 59 0.06 0.17 -7.86
N ILE B 60 -0.19 -0.94 -7.18
CA ILE B 60 -0.68 -2.11 -7.85
C ILE B 60 -2.14 -1.86 -8.25
N CYS B 61 -2.50 -2.12 -9.52
CA CYS B 61 -3.85 -1.85 -10.09
C CYS B 61 -4.26 -0.35 -10.05
N THR B 62 -3.28 0.54 -9.95
CA THR B 62 -3.54 1.96 -10.16
C THR B 62 -3.17 2.35 -11.56
N PHE B 63 -3.83 3.39 -12.06
CA PHE B 63 -3.47 3.96 -13.36
C PHE B 63 -3.33 5.46 -13.22
N ARG B 64 -2.43 6.04 -14.00
CA ARG B 64 -2.24 7.49 -14.06
C ARG B 64 -2.15 7.92 -15.49
N GLY B 65 -2.73 9.07 -15.79
CA GLY B 65 -2.60 9.67 -17.10
C GLY B 65 -3.53 10.82 -17.31
N ASP B 66 -3.90 11.04 -18.57
CA ASP B 66 -4.91 12.04 -18.89
C ASP B 66 -6.08 11.36 -19.60
N VAL B 67 -7.24 11.99 -19.56
CA VAL B 67 -8.44 11.33 -20.07
C VAL B 67 -9.11 12.13 -21.15
N THR B 68 -9.72 11.38 -22.05
CA THR B 68 -10.51 11.90 -23.16
C THR B 68 -11.89 11.27 -23.10
N HIS B 69 -12.89 12.11 -23.17
CA HIS B 69 -14.27 11.68 -23.09
C HIS B 69 -14.70 11.00 -24.37
N ILE B 70 -15.32 9.83 -24.24
CA ILE B 70 -15.95 9.15 -25.35
C ILE B 70 -17.35 9.71 -25.59
N THR B 71 -17.49 10.51 -26.64
CA THR B 71 -18.73 11.24 -26.89
C THR B 71 -19.95 10.30 -26.92
N GLY B 72 -21.06 10.75 -26.35
CA GLY B 72 -22.28 9.96 -26.30
C GLY B 72 -22.30 8.88 -25.22
N SER B 73 -21.41 8.97 -24.23
CA SER B 73 -21.31 7.96 -23.20
C SER B 73 -20.80 8.55 -21.89
N ARG B 74 -20.74 7.72 -20.86
CA ARG B 74 -20.11 8.07 -19.59
C ARG B 74 -18.71 7.44 -19.45
N ASN B 75 -18.14 7.10 -20.58
CA ASN B 75 -16.84 6.43 -20.64
C ASN B 75 -15.72 7.40 -21.04
N TYR B 76 -14.55 7.13 -20.49
CA TYR B 76 -13.34 7.90 -20.77
C TYR B 76 -12.21 6.98 -21.16
N THR B 77 -11.38 7.42 -22.10
CA THR B 77 -10.14 6.72 -22.40
C THR B 77 -8.99 7.45 -21.71
N MET B 78 -8.21 6.69 -20.95
CA MET B 78 -7.02 7.23 -20.35
C MET B 78 -5.81 6.93 -21.21
N ASN B 79 -5.09 7.97 -21.57
CA ASN B 79 -3.77 7.87 -22.16
C ASN B 79 -2.77 7.73 -21.00
N LEU B 80 -2.14 6.57 -20.89
CA LEU B 80 -1.35 6.27 -19.70
C LEU B 80 -0.03 7.00 -19.68
N ALA B 81 0.32 7.45 -18.49
CA ALA B 81 1.63 7.93 -18.16
C ALA B 81 2.30 6.88 -17.27
N SER B 82 3.59 7.07 -17.00
CA SER B 82 4.28 6.23 -16.04
C SER B 82 3.80 6.59 -14.64
N GLN B 83 4.17 5.76 -13.66
CA GLN B 83 3.69 5.95 -12.28
C GLN B 83 4.19 7.28 -11.70
N ASN B 84 5.25 7.87 -12.27
CA ASN B 84 5.74 9.20 -11.87
C ASN B 84 5.38 10.34 -12.84
N TRP B 85 4.40 10.09 -13.71
CA TRP B 85 3.83 11.06 -14.66
C TRP B 85 4.72 11.32 -15.87
N ASN B 86 5.86 10.64 -15.95
CA ASN B 86 6.68 10.68 -17.17
C ASN B 86 5.96 9.96 -18.33
N ASP B 87 6.43 10.15 -19.55
CA ASP B 87 5.85 9.46 -20.72
C ASP B 87 5.96 7.95 -20.57
N TYR B 88 4.90 7.25 -20.96
CA TYR B 88 4.95 5.80 -21.01
C TYR B 88 5.51 5.32 -22.34
N ASP B 89 6.45 4.37 -22.29
CA ASP B 89 7.10 3.83 -23.48
C ASP B 89 6.56 2.43 -23.81
N PRO B 90 5.67 2.31 -24.83
CA PRO B 90 5.10 1.02 -25.19
C PRO B 90 6.12 0.02 -25.79
N THR B 91 7.34 0.47 -26.11
CA THR B 91 8.32 -0.43 -26.71
C THR B 91 9.17 -1.10 -25.63
N GLU B 92 8.97 -0.75 -24.37
CA GLU B 92 9.76 -1.37 -23.28
C GLU B 92 9.50 -2.87 -23.23
N GLU B 93 10.53 -3.65 -22.91
CA GLU B 93 10.39 -5.11 -22.91
C GLU B 93 9.72 -5.63 -21.66
N ILE B 94 8.46 -5.23 -21.48
CA ILE B 94 7.60 -5.67 -20.41
C ILE B 94 6.22 -5.97 -21.00
N PRO B 95 5.39 -6.76 -20.31
CA PRO B 95 4.08 -7.13 -20.85
C PRO B 95 3.11 -5.96 -20.93
N ALA B 96 3.29 -4.99 -20.04
CA ALA B 96 2.36 -3.89 -19.83
C ALA B 96 3.02 -2.99 -18.82
N PRO B 97 2.47 -1.79 -18.59
CA PRO B 97 3.02 -0.95 -17.53
C PRO B 97 3.11 -1.68 -16.22
N LEU B 98 4.13 -1.35 -15.45
CA LEU B 98 4.33 -2.01 -14.17
C LEU B 98 3.16 -1.74 -13.25
N GLY B 99 2.64 -2.78 -12.58
CA GLY B 99 1.47 -2.63 -11.74
C GLY B 99 0.12 -2.82 -12.39
N THR B 100 0.08 -2.98 -13.70
CA THR B 100 -1.14 -3.24 -14.44
C THR B 100 -1.85 -4.47 -13.84
N PRO B 101 -3.19 -4.42 -13.71
CA PRO B 101 -3.90 -5.64 -13.25
C PRO B 101 -3.52 -6.86 -14.08
N ASP B 102 -3.35 -8.02 -13.41
CA ASP B 102 -2.98 -9.24 -14.12
C ASP B 102 -4.08 -10.32 -14.08
N PHE B 103 -5.34 -9.89 -14.03
CA PHE B 103 -6.47 -10.81 -14.15
C PHE B 103 -7.61 -10.14 -14.87
N VAL B 104 -8.48 -10.97 -15.45
CA VAL B 104 -9.65 -10.52 -16.17
C VAL B 104 -10.79 -10.34 -15.17
N GLY B 105 -11.30 -9.14 -15.10
CA GLY B 105 -12.42 -8.86 -14.22
C GLY B 105 -12.81 -7.40 -14.32
N LYS B 106 -13.77 -6.99 -13.50
CA LYS B 106 -14.23 -5.61 -13.43
C LYS B 106 -13.78 -5.01 -12.10
N ILE B 107 -12.80 -4.13 -12.17
CA ILE B 107 -12.22 -3.52 -10.99
C ILE B 107 -12.87 -2.15 -10.83
N GLN B 108 -13.53 -1.93 -9.69
CA GLN B 108 -14.18 -0.67 -9.38
C GLN B 108 -13.26 0.14 -8.48
N GLY B 109 -13.29 1.44 -8.66
CA GLY B 109 -12.49 2.35 -7.88
C GLY B 109 -12.97 3.76 -8.09
N VAL B 110 -12.07 4.72 -7.99
CA VAL B 110 -12.40 6.12 -8.12
C VAL B 110 -11.38 6.76 -9.03
N LEU B 111 -11.86 7.50 -10.02
CA LEU B 111 -11.03 8.36 -10.83
C LEU B 111 -11.01 9.76 -10.23
N THR B 112 -9.84 10.26 -9.91
CA THR B 112 -9.68 11.59 -9.37
C THR B 112 -8.86 12.45 -10.31
N GLN B 113 -9.07 13.75 -10.22
CA GLN B 113 -8.39 14.67 -11.13
C GLN B 113 -8.19 16.01 -10.42
N THR B 114 -7.06 16.64 -10.74
CA THR B 114 -6.77 18.01 -10.29
C THR B 114 -6.54 18.89 -11.50
N THR B 115 -7.16 20.07 -11.50
CA THR B 115 -6.92 21.09 -12.51
C THR B 115 -5.71 21.88 -12.06
N ARG B 116 -4.65 21.84 -12.86
CA ARG B 116 -3.37 22.39 -12.47
C ARG B 116 -3.41 23.88 -12.14
N THR B 117 -4.13 24.66 -12.94
CA THR B 117 -4.11 26.11 -12.74
C THR B 117 -4.67 26.61 -11.41
N ASP B 118 -5.77 26.03 -10.93
CA ASP B 118 -6.41 26.57 -9.74
C ASP B 118 -6.55 25.59 -8.58
N GLY B 119 -6.13 24.35 -8.80
CA GLY B 119 -6.17 23.32 -7.77
C GLY B 119 -7.58 22.81 -7.50
N SER B 120 -8.50 23.02 -8.44
CA SER B 120 -9.82 22.44 -8.28
C SER B 120 -9.72 20.94 -8.51
N THR B 121 -10.54 20.17 -7.82
CA THR B 121 -10.42 18.72 -7.83
C THR B 121 -11.78 18.08 -8.00
N ARG B 122 -11.76 16.81 -8.42
CA ARG B 122 -12.99 16.08 -8.68
C ARG B 122 -12.70 14.59 -8.63
N GLY B 123 -13.70 13.82 -8.22
CA GLY B 123 -13.59 12.36 -8.11
C GLY B 123 -14.91 11.71 -8.47
N HIS B 124 -14.84 10.61 -9.22
CA HIS B 124 -16.02 9.90 -9.68
C HIS B 124 -15.80 8.39 -9.63
N LYS B 125 -16.87 7.70 -9.24
CA LYS B 125 -16.93 6.24 -9.31
C LYS B 125 -16.54 5.79 -10.72
N ALA B 126 -15.64 4.80 -10.81
CA ALA B 126 -15.16 4.35 -12.09
C ALA B 126 -14.87 2.86 -12.04
N THR B 127 -15.12 2.21 -13.16
CA THR B 127 -14.85 0.78 -13.31
C THR B 127 -13.98 0.53 -14.54
N VAL B 128 -12.99 -0.34 -14.42
CA VAL B 128 -12.22 -0.77 -15.56
C VAL B 128 -12.46 -2.25 -15.77
N TYR B 129 -12.89 -2.59 -16.98
CA TYR B 129 -13.14 -3.97 -17.37
C TYR B 129 -11.91 -4.49 -18.09
N THR B 130 -11.13 -5.33 -17.40
CA THR B 130 -9.81 -5.70 -17.93
C THR B 130 -9.92 -6.76 -19.02
N GLY B 131 -11.14 -7.25 -19.24
CA GLY B 131 -11.42 -8.14 -20.36
C GLY B 131 -11.95 -7.41 -21.59
N SER B 132 -12.05 -6.08 -21.48
CA SER B 132 -12.60 -5.24 -22.55
C SER B 132 -11.70 -5.25 -23.79
N ALA B 133 -12.31 -5.16 -24.98
CA ALA B 133 -11.55 -5.04 -26.23
C ALA B 133 -10.64 -3.80 -26.17
N ASP B 134 -11.07 -2.78 -25.42
CA ASP B 134 -10.30 -1.55 -25.30
C ASP B 134 -9.48 -1.44 -24.04
N PHE B 135 -9.29 -2.57 -23.35
CA PHE B 135 -8.27 -2.62 -22.32
C PHE B 135 -6.95 -2.91 -23.03
N ALA B 136 -6.16 -1.86 -23.28
CA ALA B 136 -4.92 -2.02 -24.01
C ALA B 136 -3.77 -1.27 -23.32
N PRO B 137 -3.54 -1.55 -22.03
CA PRO B 137 -2.51 -0.79 -21.29
C PRO B 137 -1.12 -0.91 -21.92
N LYS B 138 -0.79 -2.05 -22.56
CA LYS B 138 0.51 -2.16 -23.20
C LYS B 138 0.64 -1.10 -24.28
N LEU B 139 -0.45 -0.78 -24.96
CA LEU B 139 -0.40 0.27 -25.97
C LEU B 139 -0.48 1.66 -25.38
N GLY B 140 -0.83 1.78 -24.11
CA GLY B 140 -0.92 3.06 -23.45
C GLY B 140 -2.34 3.59 -23.30
N ARG B 141 -3.35 2.74 -23.50
CA ARG B 141 -4.74 3.23 -23.37
C ARG B 141 -5.64 2.23 -22.66
N VAL B 142 -6.47 2.77 -21.78
CA VAL B 142 -7.43 1.99 -21.00
C VAL B 142 -8.73 2.76 -20.96
N GLN B 143 -9.84 2.04 -21.04
CA GLN B 143 -11.14 2.65 -20.97
C GLN B 143 -11.73 2.50 -19.58
N PHE B 144 -12.29 3.58 -19.06
CA PHE B 144 -12.99 3.59 -17.77
C PHE B 144 -14.46 3.93 -17.97
N GLU B 145 -15.33 3.20 -17.30
CA GLU B 145 -16.75 3.53 -17.24
C GLU B 145 -16.97 4.34 -15.97
N THR B 146 -17.66 5.47 -16.07
CA THR B 146 -17.84 6.37 -14.93
C THR B 146 -19.29 6.77 -14.74
N ASP B 147 -19.54 7.61 -13.75
CA ASP B 147 -20.89 8.16 -13.58
C ASP B 147 -21.03 9.62 -14.08
N THR B 148 -20.13 10.06 -14.95
CA THR B 148 -20.28 11.40 -15.56
C THR B 148 -20.03 11.39 -17.07
N ASP B 149 -20.67 12.32 -17.80
CA ASP B 149 -20.32 12.56 -19.19
C ASP B 149 -19.74 13.95 -19.40
N ARG B 150 -19.32 14.62 -18.33
CA ARG B 150 -18.91 16.01 -18.49
C ARG B 150 -17.91 16.56 -17.49
N ASP B 151 -17.70 15.89 -16.36
CA ASP B 151 -16.99 16.57 -15.28
C ASP B 151 -15.45 16.52 -15.47
N PHE B 152 -14.91 15.48 -16.11
CA PHE B 152 -13.45 15.38 -16.28
C PHE B 152 -12.95 16.28 -17.39
N GLU B 153 -11.82 16.93 -17.12
CA GLU B 153 -11.18 17.82 -18.08
C GLU B 153 -10.05 17.14 -18.83
N ALA B 154 -9.81 17.62 -20.04
CA ALA B 154 -8.70 17.10 -20.81
C ALA B 154 -7.40 17.71 -20.33
N ASN B 155 -6.29 17.03 -20.62
CA ASN B 155 -4.97 17.57 -20.35
C ASN B 155 -4.76 17.89 -18.87
N GLN B 156 -5.37 17.08 -17.99
CA GLN B 156 -5.18 17.23 -16.56
C GLN B 156 -4.87 15.88 -15.94
N ASN B 157 -3.94 15.88 -15.00
CA ASN B 157 -3.54 14.66 -14.29
C ASN B 157 -4.72 13.95 -13.66
N THR B 158 -4.86 12.67 -13.98
CA THR B 158 -5.99 11.86 -13.56
C THR B 158 -5.46 10.52 -13.03
N LYS B 159 -6.03 10.08 -11.92
CA LYS B 159 -5.58 8.83 -11.27
C LYS B 159 -6.77 7.92 -11.02
N PHE B 160 -6.56 6.62 -11.25
CA PHE B 160 -7.50 5.59 -10.83
C PHE B 160 -6.95 4.93 -9.57
N THR B 161 -7.73 4.98 -8.50
CA THR B 161 -7.45 4.26 -7.26
C THR B 161 -8.38 3.04 -7.19
N PRO B 162 -7.80 1.83 -7.15
CA PRO B 162 -8.64 0.64 -7.08
C PRO B 162 -9.23 0.44 -5.71
N VAL B 163 -10.43 -0.10 -5.65
CA VAL B 163 -11.07 -0.41 -4.39
C VAL B 163 -11.42 -1.92 -4.30
N GLY B 164 -12.05 -2.45 -5.35
CA GLY B 164 -12.51 -3.82 -5.30
C GLY B 164 -13.03 -4.31 -6.62
N VAL B 165 -13.83 -5.38 -6.60
CA VAL B 165 -14.32 -6.00 -7.82
C VAL B 165 -15.84 -6.17 -7.78
N ILE B 166 -16.42 -6.30 -8.97
CA ILE B 166 -17.84 -6.48 -9.08
C ILE B 166 -18.14 -7.71 -9.92
N GLN B 167 -19.39 -8.13 -9.84
CA GLN B 167 -19.89 -9.23 -10.64
C GLN B 167 -21.33 -8.88 -11.02
N ASP B 168 -21.79 -9.42 -12.16
CA ASP B 168 -23.19 -9.28 -12.62
C ASP B 168 -24.07 -10.34 -11.91
N GLY B 169 -24.86 -9.92 -10.93
CA GLY B 169 -25.63 -10.84 -10.11
C GLY B 169 -26.76 -11.58 -10.83
N GLY B 170 -26.99 -11.20 -12.09
CA GLY B 170 -28.00 -11.87 -12.89
C GLY B 170 -27.44 -13.10 -13.58
N THR B 171 -26.17 -13.38 -13.30
CA THR B 171 -25.48 -14.53 -13.87
C THR B 171 -24.85 -15.35 -12.72
N THR B 172 -24.41 -16.57 -13.05
CA THR B 172 -23.88 -17.54 -12.08
C THR B 172 -22.94 -16.88 -11.05
N HIS B 173 -23.18 -17.12 -9.78
CA HIS B 173 -22.40 -16.44 -8.74
C HIS B 173 -20.94 -16.85 -8.76
N ARG B 174 -20.08 -15.86 -8.50
CA ARG B 174 -18.62 -16.02 -8.42
C ARG B 174 -17.97 -16.46 -9.73
N ASN B 175 -18.64 -16.16 -10.85
CA ASN B 175 -18.10 -16.50 -12.18
C ASN B 175 -17.04 -15.48 -12.62
N GLU B 176 -16.96 -14.34 -11.93
CA GLU B 176 -15.93 -13.35 -12.16
C GLU B 176 -15.62 -12.61 -10.86
N PRO B 177 -14.44 -12.00 -10.76
CA PRO B 177 -13.29 -12.06 -11.68
C PRO B 177 -12.73 -13.48 -11.88
N GLN B 178 -11.78 -13.59 -12.80
CA GLN B 178 -11.04 -14.84 -13.06
C GLN B 178 -9.56 -14.58 -12.80
N GLN B 179 -9.12 -14.84 -11.58
CA GLN B 179 -7.79 -14.39 -11.16
C GLN B 179 -6.66 -15.06 -11.91
N TRP B 180 -6.91 -16.19 -12.57
CA TRP B 180 -5.81 -16.88 -13.27
C TRP B 180 -5.87 -16.70 -14.79
N VAL B 181 -6.77 -15.83 -15.26
CA VAL B 181 -6.85 -15.53 -16.69
C VAL B 181 -6.22 -14.17 -16.94
N LEU B 182 -5.09 -14.14 -17.65
CA LEU B 182 -4.42 -12.89 -17.96
C LEU B 182 -5.24 -12.07 -18.94
N PRO B 183 -5.25 -10.75 -18.75
CA PRO B 183 -5.79 -9.85 -19.76
C PRO B 183 -5.00 -9.95 -21.05
N SER B 184 -5.60 -9.54 -22.17
CA SER B 184 -4.86 -9.25 -23.39
C SER B 184 -4.34 -7.84 -23.30
N TYR B 185 -3.06 -7.68 -22.97
CA TYR B 185 -2.58 -6.36 -22.58
C TYR B 185 -2.58 -5.34 -23.71
N SER B 186 -2.58 -5.78 -24.96
CA SER B 186 -2.66 -4.83 -26.09
C SER B 186 -4.06 -4.79 -26.73
N GLY B 187 -5.06 -5.30 -26.04
CA GLY B 187 -6.42 -5.23 -26.56
C GLY B 187 -6.85 -6.45 -27.35
N ARG B 188 -8.04 -6.38 -27.95
CA ARG B 188 -8.59 -7.53 -28.68
C ARG B 188 -7.68 -7.97 -29.83
N ASN B 189 -7.68 -9.27 -30.11
CA ASN B 189 -6.90 -9.83 -31.22
C ASN B 189 -5.39 -9.58 -31.12
N THR B 190 -4.83 -9.56 -29.89
CA THR B 190 -3.39 -9.43 -29.73
C THR B 190 -2.82 -10.52 -28.82
N HIS B 191 -1.50 -10.68 -28.89
CA HIS B 191 -0.82 -11.70 -28.12
C HIS B 191 0.09 -11.04 -27.10
N ASN B 192 0.02 -11.52 -25.86
CA ASN B 192 0.86 -10.94 -24.82
C ASN B 192 2.32 -11.25 -25.08
N VAL B 193 3.18 -10.38 -24.57
CA VAL B 193 4.63 -10.50 -24.74
C VAL B 193 5.37 -10.32 -23.42
N HIS B 194 6.59 -10.87 -23.37
CA HIS B 194 7.54 -10.70 -22.27
C HIS B 194 7.00 -11.18 -20.91
N LEU B 195 6.15 -12.20 -20.91
CA LEU B 195 5.52 -12.67 -19.69
C LEU B 195 6.48 -13.38 -18.76
N ALA B 196 6.31 -13.18 -17.45
CA ALA B 196 6.88 -14.07 -16.46
C ALA B 196 6.23 -15.44 -16.71
N PRO B 197 7.01 -16.52 -16.60
CA PRO B 197 6.49 -17.84 -16.97
C PRO B 197 5.38 -18.35 -16.05
N ALA B 198 4.57 -19.25 -16.60
CA ALA B 198 3.64 -20.03 -15.80
C ALA B 198 4.44 -20.88 -14.79
N VAL B 199 3.82 -21.18 -13.64
CA VAL B 199 4.46 -22.00 -12.63
C VAL B 199 3.60 -23.21 -12.28
N ALA B 200 4.28 -24.25 -11.85
CA ALA B 200 3.64 -25.50 -11.44
C ALA B 200 4.60 -26.29 -10.55
N PRO B 201 4.04 -27.00 -9.56
CA PRO B 201 4.90 -27.95 -8.86
C PRO B 201 5.31 -29.08 -9.82
N THR B 202 6.52 -29.60 -9.68
CA THR B 202 7.02 -30.67 -10.55
C THR B 202 7.21 -31.97 -9.75
N PHE B 203 7.35 -31.78 -8.46
CA PHE B 203 7.75 -32.82 -7.55
C PHE B 203 6.55 -33.64 -7.05
N PRO B 204 6.68 -34.98 -6.97
CA PRO B 204 5.51 -35.77 -6.53
C PRO B 204 4.98 -35.37 -5.15
N GLY B 205 3.66 -35.23 -5.05
CA GLY B 205 3.02 -34.89 -3.81
C GLY B 205 3.06 -33.40 -3.47
N GLU B 206 3.64 -32.57 -4.35
CA GLU B 206 3.72 -31.13 -4.06
C GLU B 206 2.62 -30.30 -4.73
N GLN B 207 2.27 -29.22 -4.05
CA GLN B 207 1.36 -28.18 -4.59
C GLN B 207 1.96 -26.82 -4.35
N LEU B 208 1.52 -25.83 -5.11
CA LEU B 208 1.84 -24.46 -4.81
C LEU B 208 1.29 -24.08 -3.45
N LEU B 209 2.03 -23.21 -2.76
CA LEU B 209 1.53 -22.53 -1.59
C LEU B 209 1.22 -21.07 -2.01
N PHE B 210 -0.01 -20.64 -1.76
CA PHE B 210 -0.53 -19.34 -2.15
C PHE B 210 -0.68 -18.43 -0.93
N PHE B 211 -0.35 -17.17 -1.12
CA PHE B 211 -0.54 -16.13 -0.15
C PHE B 211 -1.85 -15.43 -0.53
N ARG B 212 -2.87 -15.60 0.31
CA ARG B 212 -4.23 -15.32 -0.09
C ARG B 212 -4.83 -14.11 0.63
N SER B 213 -5.59 -13.32 -0.15
CA SER B 213 -6.40 -12.24 0.37
C SER B 213 -7.81 -12.36 -0.19
N THR B 214 -8.70 -11.54 0.33
CA THR B 214 -10.06 -11.43 -0.18
C THR B 214 -10.24 -10.00 -0.69
N MET B 215 -10.42 -9.81 -1.99
CA MET B 215 -10.65 -8.48 -2.52
C MET B 215 -12.00 -7.94 -2.03
N PRO B 216 -12.08 -6.63 -1.74
CA PRO B 216 -13.41 -6.09 -1.48
C PRO B 216 -14.32 -6.27 -2.69
N GLY B 217 -15.59 -6.51 -2.44
CA GLY B 217 -16.62 -6.59 -3.46
C GLY B 217 -17.48 -5.36 -3.39
N CYS B 218 -17.82 -4.81 -4.55
CA CYS B 218 -18.55 -3.53 -4.61
C CYS B 218 -19.95 -3.67 -5.21
N SER B 219 -20.27 -4.85 -5.73
CA SER B 219 -21.56 -5.09 -6.35
C SER B 219 -21.65 -6.53 -6.80
N GLY B 220 -22.84 -7.11 -6.70
CA GLY B 220 -23.05 -8.47 -7.16
C GLY B 220 -22.41 -9.52 -6.30
N TYR B 221 -22.07 -10.64 -6.91
CA TYR B 221 -21.57 -11.80 -6.21
C TYR B 221 -20.21 -12.23 -6.78
N PRO B 222 -19.18 -11.38 -6.58
CA PRO B 222 -17.88 -11.70 -7.17
C PRO B 222 -17.11 -12.80 -6.48
N ASN B 223 -16.24 -13.45 -7.25
CA ASN B 223 -15.20 -14.27 -6.67
C ASN B 223 -14.10 -13.37 -6.14
N MET B 224 -13.99 -13.29 -4.82
CA MET B 224 -13.11 -12.31 -4.24
C MET B 224 -11.74 -12.90 -3.85
N ASP B 225 -11.52 -14.18 -4.11
CA ASP B 225 -10.23 -14.83 -3.78
C ASP B 225 -9.10 -14.25 -4.61
N LEU B 226 -7.99 -13.91 -3.96
CA LEU B 226 -6.83 -13.44 -4.70
C LEU B 226 -5.55 -13.98 -4.08
N ASP B 227 -4.92 -14.82 -4.88
CA ASP B 227 -3.73 -15.57 -4.49
C ASP B 227 -2.51 -15.04 -5.17
N CYS B 228 -1.49 -14.72 -4.38
CA CYS B 228 -0.22 -14.34 -4.96
C CYS B 228 0.87 -15.35 -4.63
N LEU B 229 1.92 -15.36 -5.45
CA LEU B 229 2.99 -16.35 -5.30
C LEU B 229 4.03 -15.92 -4.27
N LEU B 230 4.12 -14.62 -4.08
CA LEU B 230 5.06 -14.01 -3.13
C LEU B 230 4.39 -12.81 -2.48
N PRO B 231 4.53 -12.65 -1.15
CA PRO B 231 4.12 -11.37 -0.55
C PRO B 231 4.84 -10.20 -1.18
N GLN B 232 4.18 -9.05 -1.22
CA GLN B 232 4.87 -7.88 -1.79
C GLN B 232 6.14 -7.57 -0.99
N GLU B 233 6.11 -7.81 0.31
CA GLU B 233 7.29 -7.55 1.14
C GLU B 233 8.48 -8.48 0.78
N TRP B 234 8.21 -9.67 0.28
CA TRP B 234 9.30 -10.54 -0.16
C TRP B 234 9.89 -10.02 -1.46
N VAL B 235 9.05 -9.55 -2.37
CA VAL B 235 9.54 -8.86 -3.56
C VAL B 235 10.45 -7.70 -3.16
N GLN B 236 9.98 -6.85 -2.25
CA GLN B 236 10.75 -5.70 -1.82
C GLN B 236 12.06 -6.13 -1.17
N TYR B 237 12.00 -7.19 -0.36
CA TYR B 237 13.17 -7.66 0.39
C TYR B 237 14.23 -8.29 -0.51
N PHE B 238 13.81 -9.15 -1.44
CA PHE B 238 14.74 -9.78 -2.37
C PHE B 238 15.39 -8.72 -3.24
N TYR B 239 14.60 -7.74 -3.66
CA TYR B 239 15.14 -6.64 -4.46
C TYR B 239 16.29 -5.91 -3.72
N GLN B 240 16.06 -5.66 -2.43
CA GLN B 240 17.04 -4.97 -1.60
C GLN B 240 18.29 -5.81 -1.31
N GLU B 241 18.08 -7.07 -0.95
CA GLU B 241 19.16 -7.95 -0.52
C GLU B 241 20.03 -8.45 -1.67
N ALA B 242 19.37 -8.83 -2.76
CA ALA B 242 20.06 -9.36 -3.94
C ALA B 242 21.05 -10.46 -3.58
N ALA B 243 20.62 -11.39 -2.71
CA ALA B 243 21.49 -12.48 -2.28
C ALA B 243 21.51 -13.58 -3.33
N PRO B 244 22.71 -14.01 -3.74
CA PRO B 244 22.83 -15.03 -4.78
C PRO B 244 22.19 -16.35 -4.39
N ALA B 245 21.51 -16.99 -5.31
CA ALA B 245 20.94 -18.30 -5.05
C ALA B 245 22.02 -19.36 -5.20
N GLN B 246 22.17 -20.24 -4.22
CA GLN B 246 23.22 -21.24 -4.28
C GLN B 246 22.72 -22.56 -4.85
N SER B 247 21.41 -22.68 -5.02
CA SER B 247 20.82 -23.79 -5.73
C SER B 247 19.50 -23.28 -6.25
N ASP B 248 18.70 -24.14 -6.84
CA ASP B 248 17.43 -23.71 -7.39
C ASP B 248 16.30 -23.70 -6.35
N VAL B 249 16.59 -24.20 -5.15
CA VAL B 249 15.57 -24.34 -4.10
C VAL B 249 16.07 -23.96 -2.71
N ALA B 250 15.39 -22.99 -2.11
CA ALA B 250 15.63 -22.57 -0.73
C ALA B 250 14.64 -23.25 0.18
N LEU B 251 15.12 -24.05 1.11
CA LEU B 251 14.26 -24.69 2.08
C LEU B 251 13.90 -23.68 3.16
N LEU B 252 12.61 -23.48 3.39
CA LEU B 252 12.11 -22.62 4.44
C LEU B 252 11.38 -23.44 5.47
N ARG B 253 11.45 -22.99 6.72
CA ARG B 253 10.63 -23.53 7.79
C ARG B 253 9.67 -22.44 8.25
N PHE B 254 8.42 -22.81 8.47
CA PHE B 254 7.46 -21.90 9.04
C PHE B 254 7.46 -22.20 10.54
N VAL B 255 7.84 -21.19 11.31
CA VAL B 255 8.13 -21.33 12.74
C VAL B 255 7.15 -20.58 13.61
N ASN B 256 6.82 -21.17 14.75
CA ASN B 256 6.05 -20.49 15.80
C ASN B 256 7.03 -19.94 16.84
N PRO B 257 7.26 -18.61 16.89
CA PRO B 257 8.26 -18.09 17.84
C PRO B 257 7.84 -18.23 19.28
N ASP B 258 6.54 -18.44 19.50
CA ASP B 258 6.02 -18.66 20.85
C ASP B 258 6.56 -19.97 21.44
N THR B 259 6.78 -20.98 20.59
CA THR B 259 7.18 -22.31 21.05
C THR B 259 8.58 -22.75 20.58
N GLY B 260 9.10 -22.07 19.57
CA GLY B 260 10.37 -22.43 18.98
C GLY B 260 10.29 -23.60 18.02
N ARG B 261 9.08 -24.01 17.66
CA ARG B 261 8.91 -25.23 16.85
CA ARG B 261 8.87 -25.24 16.87
C ARG B 261 8.47 -24.96 15.42
N VAL B 262 8.90 -25.85 14.53
CA VAL B 262 8.54 -25.80 13.13
C VAL B 262 7.16 -26.40 12.90
N LEU B 263 6.30 -25.65 12.25
CA LEU B 263 4.96 -26.12 11.91
C LEU B 263 4.99 -26.92 10.58
N PHE B 264 5.73 -26.40 9.62
CA PHE B 264 5.89 -27.10 8.35
C PHE B 264 7.08 -26.57 7.61
N GLU B 265 7.58 -27.35 6.65
CA GLU B 265 8.64 -26.86 5.76
CA GLU B 265 8.62 -26.83 5.76
C GLU B 265 8.08 -26.67 4.34
N CYS B 266 8.73 -25.83 3.55
CA CYS B 266 8.31 -25.58 2.18
C CYS B 266 9.53 -25.22 1.35
N LYS B 267 9.36 -25.27 0.04
CA LYS B 267 10.41 -24.93 -0.91
C LYS B 267 10.12 -23.58 -1.53
N LEU B 268 11.06 -22.66 -1.38
CA LEU B 268 11.06 -21.40 -2.13
C LEU B 268 11.99 -21.55 -3.34
N HIS B 269 11.38 -21.66 -4.51
CA HIS B 269 12.06 -21.84 -5.76
C HIS B 269 12.71 -20.55 -6.18
N LYS B 270 13.90 -20.66 -6.73
CA LYS B 270 14.72 -19.51 -7.08
C LYS B 270 14.00 -18.50 -7.96
N SER B 271 13.15 -19.02 -8.84
CA SER B 271 12.46 -18.17 -9.80
C SER B 271 11.23 -17.50 -9.19
N GLY B 272 10.96 -17.78 -7.91
CA GLY B 272 10.04 -16.96 -7.14
C GLY B 272 8.64 -17.53 -6.91
N TYR B 273 8.54 -18.71 -6.29
CA TYR B 273 7.26 -19.24 -5.87
C TYR B 273 7.55 -20.36 -4.85
N VAL B 274 6.49 -20.80 -4.17
CA VAL B 274 6.62 -21.71 -3.04
C VAL B 274 5.80 -22.97 -3.27
N THR B 275 6.37 -24.13 -2.93
CA THR B 275 5.61 -25.37 -2.90
C THR B 275 5.66 -26.06 -1.53
N VAL B 276 4.63 -26.85 -1.27
CA VAL B 276 4.49 -27.64 -0.04
C VAL B 276 4.09 -29.04 -0.43
N ALA B 277 4.34 -30.00 0.46
CA ALA B 277 3.89 -31.35 0.28
C ALA B 277 2.48 -31.50 0.86
N HIS B 278 1.50 -31.42 -0.03
CA HIS B 278 0.10 -31.59 0.36
C HIS B 278 -0.72 -31.94 -0.85
N THR B 279 -1.80 -32.68 -0.61
CA THR B 279 -2.75 -33.03 -1.65
C THR B 279 -4.14 -32.50 -1.30
N GLY B 280 -4.67 -31.64 -2.16
CA GLY B 280 -6.02 -31.14 -2.00
C GLY B 280 -6.01 -29.69 -1.56
N GLN B 281 -7.20 -29.12 -1.51
CA GLN B 281 -7.40 -27.71 -1.12
C GLN B 281 -7.40 -27.60 0.39
N HIS B 282 -6.65 -26.66 0.91
CA HIS B 282 -6.53 -26.55 2.35
C HIS B 282 -6.15 -25.15 2.77
N ASP B 283 -6.99 -24.55 3.63
CA ASP B 283 -6.63 -23.31 4.35
C ASP B 283 -5.72 -23.67 5.51
N LEU B 284 -4.50 -23.17 5.52
CA LEU B 284 -3.58 -23.51 6.59
C LEU B 284 -3.98 -22.84 7.88
N VAL B 285 -3.92 -23.61 8.97
CA VAL B 285 -4.14 -23.08 10.28
C VAL B 285 -2.77 -22.77 10.89
N ILE B 286 -2.56 -21.48 11.15
CA ILE B 286 -1.25 -21.03 11.61
C ILE B 286 -1.42 -20.17 12.85
N PRO B 287 -0.39 -20.17 13.71
CA PRO B 287 -0.39 -19.29 14.86
C PRO B 287 -0.16 -17.87 14.40
N PRO B 288 -0.72 -16.88 15.10
CA PRO B 288 -0.71 -15.50 14.62
C PRO B 288 0.69 -14.88 14.53
N ASN B 289 1.66 -15.35 15.31
CA ASN B 289 3.04 -14.84 15.20
C ASN B 289 3.94 -15.70 14.35
N GLY B 290 3.38 -16.68 13.66
CA GLY B 290 4.23 -17.55 12.86
C GLY B 290 4.87 -16.80 11.73
N TYR B 291 6.05 -17.24 11.34
CA TYR B 291 6.73 -16.59 10.22
C TYR B 291 7.66 -17.57 9.55
N PHE B 292 8.12 -17.20 8.36
CA PHE B 292 9.01 -18.03 7.57
C PHE B 292 10.46 -17.73 7.87
N ARG B 293 11.28 -18.78 7.93
CA ARG B 293 12.72 -18.64 8.12
C ARG B 293 13.46 -19.54 7.15
N PHE B 294 14.50 -18.96 6.54
CA PHE B 294 15.36 -19.70 5.64
C PHE B 294 16.23 -20.68 6.40
N ASP B 295 16.27 -21.93 5.91
CA ASP B 295 17.07 -22.96 6.55
C ASP B 295 18.36 -23.20 5.78
N SER B 296 18.24 -23.53 4.50
CA SER B 296 19.40 -23.83 3.69
C SER B 296 19.02 -24.04 2.24
N TRP B 297 20.01 -23.99 1.36
CA TRP B 297 19.82 -24.35 -0.04
C TRP B 297 19.84 -25.84 -0.18
N VAL B 298 18.88 -26.42 -0.90
CA VAL B 298 18.83 -27.86 -1.09
C VAL B 298 18.91 -28.25 -2.58
N ASN B 299 19.26 -29.52 -2.85
CA ASN B 299 19.38 -29.99 -4.23
C ASN B 299 18.01 -30.37 -4.78
N GLN B 300 18.01 -30.97 -5.96
CA GLN B 300 16.76 -31.19 -6.68
C GLN B 300 16.02 -32.45 -6.21
N PHE B 301 16.60 -33.15 -5.25
CA PHE B 301 16.03 -34.42 -4.76
C PHE B 301 15.47 -34.30 -3.35
N TYR B 302 15.42 -33.09 -2.80
CA TYR B 302 14.97 -32.92 -1.41
C TYR B 302 13.46 -33.12 -1.35
N THR B 303 13.04 -34.00 -0.45
CA THR B 303 11.63 -34.28 -0.23
C THR B 303 11.11 -33.61 1.03
N LEU B 304 10.06 -32.81 0.88
CA LEU B 304 9.40 -32.19 2.03
C LEU B 304 8.58 -33.17 2.84
N ALA B 305 8.62 -33.02 4.16
CA ALA B 305 7.68 -33.71 5.04
C ALA B 305 6.27 -33.19 4.76
N PRO B 306 5.27 -34.10 4.80
CA PRO B 306 3.89 -33.66 4.61
C PRO B 306 3.58 -32.47 5.51
N MET B 307 2.98 -31.47 4.89
CA MET B 307 2.62 -30.20 5.52
C MET B 307 1.67 -30.42 6.68
#